data_2HCF
#
_entry.id   2HCF
#
_cell.length_a   37.750
_cell.length_b   71.590
_cell.length_c   83.200
_cell.angle_alpha   90.000
_cell.angle_beta   90.000
_cell.angle_gamma   90.000
#
_symmetry.space_group_name_H-M   'P 21 21 21'
#
loop_
_entity.id
_entity.type
_entity.pdbx_description
1 polymer 'Hydrolase, haloacid dehalogenase-like family'
2 non-polymer 'MAGNESIUM ION'
3 non-polymer 'CHLORIDE ION'
4 water water
#
_entity_poly.entity_id   1
_entity_poly.type   'polypeptide(L)'
_entity_poly.pdbx_seq_one_letter_code
;G(MSE)SRTLVLFDIDGTLLKVES(MSE)NRRVLADALIEVYGTEGSTGSHDFSGK(MSE)DGAIIYEVLSNVGLERAEI
ADKFDKAKETYIALFRERARREDITLLEGVRELLDALSSRSDVLLGLLTGNFEASGRHKLKLPGIDHYFPFGAFADDALD
RNELPHIALERARR(MSE)TGANYSPSQIVIIGDTEHDIRCARELDARSIAVATGNFT(MSE)EELARHKPGTLFKNFAE
TDEVLASILTPKHS
;
_entity_poly.pdbx_strand_id   A
#
loop_
_chem_comp.id
_chem_comp.type
_chem_comp.name
_chem_comp.formula
CL non-polymer 'CHLORIDE ION' 'Cl -1'
MG non-polymer 'MAGNESIUM ION' 'Mg 2'
#
# COMPACT_ATOMS: atom_id res chain seq x y z
N SER A 3 2.09 -24.94 -3.56
CA SER A 3 3.08 -24.45 -4.57
C SER A 3 2.80 -23.02 -5.11
N ARG A 4 1.60 -22.76 -5.65
CA ARG A 4 1.31 -21.42 -6.17
C ARG A 4 1.26 -20.42 -5.01
N THR A 5 2.06 -19.34 -5.10
CA THR A 5 2.15 -18.31 -4.04
C THR A 5 1.60 -16.95 -4.45
N LEU A 6 0.85 -16.35 -3.53
CA LEU A 6 0.24 -15.03 -3.69
C LEU A 6 1.08 -14.04 -2.89
N VAL A 7 1.64 -13.05 -3.58
CA VAL A 7 2.49 -12.08 -2.94
C VAL A 7 1.92 -10.66 -3.12
N LEU A 8 1.60 -10.03 -1.99
CA LEU A 8 0.93 -8.75 -1.97
C LEU A 8 1.86 -7.69 -1.34
N PHE A 9 2.07 -6.60 -2.07
CA PHE A 9 3.00 -5.54 -1.72
C PHE A 9 2.24 -4.24 -1.44
N ASP A 10 2.60 -3.64 -0.32
CA ASP A 10 2.39 -2.22 -0.03
C ASP A 10 3.25 -1.33 -0.95
N ILE A 11 2.86 -0.08 -1.19
CA ILE A 11 3.61 0.86 -2.02
C ILE A 11 4.56 1.76 -1.18
N ASP A 12 3.99 2.71 -0.43
CA ASP A 12 4.80 3.77 0.20
C ASP A 12 5.60 3.24 1.37
N GLY A 13 6.91 3.50 1.31
CA GLY A 13 7.87 3.00 2.33
C GLY A 13 8.26 1.53 2.19
N THR A 14 7.79 0.87 1.13
CA THR A 14 8.06 -0.52 0.80
C THR A 14 8.65 -0.64 -0.61
N LEU A 15 7.92 -0.15 -1.60
CA LEU A 15 8.47 -0.11 -2.98
C LEU A 15 9.12 1.21 -3.32
N LEU A 16 8.55 2.29 -2.82
CA LEU A 16 9.01 3.62 -3.17
C LEU A 16 8.60 4.61 -2.11
N LYS A 17 9.15 5.82 -2.25
CA LYS A 17 8.75 7.00 -1.48
C LYS A 17 8.48 8.15 -2.40
N VAL A 18 7.62 9.04 -1.92
CA VAL A 18 7.23 10.23 -2.65
C VAL A 18 7.65 11.46 -1.90
N GLU A 19 7.94 12.50 -2.67
CA GLU A 19 8.35 13.79 -2.15
C GLU A 19 7.18 14.45 -1.37
N SER A 20 7.49 15.40 -0.48
CA SER A 20 6.50 16.08 0.42
C SER A 20 5.32 16.80 -0.28
N MSE A 21 5.47 17.07 -1.57
CA MSE A 21 4.37 17.51 -2.41
C MSE A 21 3.09 16.64 -2.28
O MSE A 21 1.98 17.15 -2.43
CB MSE A 21 4.81 17.58 -3.88
CG MSE A 21 5.25 16.27 -4.49
SE MSE A 21 3.79 15.18 -5.23
CE MSE A 21 3.20 16.31 -6.59
N ASN A 22 3.23 15.35 -2.01
CA ASN A 22 2.06 14.48 -1.85
C ASN A 22 1.09 15.04 -0.79
N ARG A 23 1.65 15.44 0.35
CA ARG A 23 0.85 15.99 1.46
C ARG A 23 0.20 17.31 1.04
N ARG A 24 0.89 18.07 0.22
CA ARG A 24 0.38 19.34 -0.24
C ARG A 24 -0.69 19.22 -1.34
N VAL A 25 -0.57 18.20 -2.19
CA VAL A 25 -1.62 17.85 -3.14
C VAL A 25 -2.92 17.52 -2.41
N LEU A 26 -2.84 16.71 -1.36
CA LEU A 26 -4.04 16.42 -0.60
C LEU A 26 -4.62 17.68 0.04
N ALA A 27 -3.78 18.48 0.69
CA ALA A 27 -4.27 19.67 1.39
C ALA A 27 -4.97 20.61 0.41
N ASP A 28 -4.36 20.82 -0.74
CA ASP A 28 -4.95 21.62 -1.81
C ASP A 28 -6.30 21.09 -2.33
N ALA A 29 -6.46 19.76 -2.38
CA ALA A 29 -7.69 19.17 -2.87
C ALA A 29 -8.80 19.36 -1.85
N LEU A 30 -8.48 19.17 -0.58
CA LEU A 30 -9.45 19.40 0.47
C LEU A 30 -9.86 20.87 0.61
N ILE A 31 -8.91 21.79 0.48
CA ILE A 31 -9.24 23.23 0.48
C ILE A 31 -10.23 23.52 -0.66
N GLU A 32 -9.96 22.94 -1.82
CA GLU A 32 -10.82 23.13 -2.97
C GLU A 32 -12.25 22.63 -2.77
N VAL A 33 -12.40 21.52 -2.08
CA VAL A 33 -13.70 20.87 -1.95
C VAL A 33 -14.42 21.30 -0.68
N TYR A 34 -13.73 21.28 0.45
CA TYR A 34 -14.34 21.61 1.74
C TYR A 34 -14.05 23.03 2.25
N GLY A 35 -13.09 23.72 1.65
CA GLY A 35 -12.63 25.02 2.14
C GLY A 35 -11.45 24.98 3.11
N THR A 36 -11.16 23.81 3.67
CA THR A 36 -10.09 23.64 4.64
C THR A 36 -9.29 22.39 4.32
N GLU A 37 -8.00 22.43 4.63
CA GLU A 37 -7.15 21.24 4.56
C GLU A 37 -7.22 20.42 5.82
N GLY A 38 -8.02 20.85 6.77
CA GLY A 38 -8.12 20.15 8.01
C GLY A 38 -6.87 20.41 8.81
N SER A 39 -6.56 19.49 9.69
CA SER A 39 -5.47 19.67 10.63
C SER A 39 -5.03 18.32 11.14
N THR A 40 -3.84 17.88 10.76
CA THR A 40 -3.46 17.63 9.36
C THR A 40 -2.13 16.91 9.47
N ASP A 44 1.52 10.49 12.13
CA ASP A 44 1.93 10.11 10.78
C ASP A 44 0.82 9.32 10.13
N PHE A 45 0.75 9.38 8.80
CA PHE A 45 -0.27 8.62 8.11
C PHE A 45 0.33 7.38 7.40
N SER A 46 1.55 7.03 7.79
CA SER A 46 2.17 5.76 7.36
C SER A 46 1.28 4.57 7.60
N GLY A 47 1.01 3.81 6.54
CA GLY A 47 0.23 2.60 6.66
C GLY A 47 -1.27 2.78 6.73
N LYS A 48 -1.74 4.04 6.69
CA LYS A 48 -3.17 4.32 6.80
C LYS A 48 -3.85 4.43 5.42
N MSE A 49 -5.15 4.26 5.40
CA MSE A 49 -5.93 4.27 4.17
C MSE A 49 -6.18 5.72 3.73
O MSE A 49 -6.50 6.54 4.58
CB MSE A 49 -7.25 3.55 4.41
CG MSE A 49 -7.14 2.13 4.90
SE MSE A 49 -6.40 0.96 3.52
CE MSE A 49 -7.34 1.35 2.21
N ASP A 50 -6.06 6.06 2.44
CA ASP A 50 -6.31 7.44 1.99
C ASP A 50 -7.68 7.97 2.48
N GLY A 51 -8.70 7.12 2.51
CA GLY A 51 -10.02 7.55 2.91
C GLY A 51 -10.08 7.87 4.38
N ALA A 52 -9.37 7.07 5.16
CA ALA A 52 -9.35 7.27 6.61
C ALA A 52 -8.55 8.56 6.95
N ILE A 53 -7.55 8.87 6.15
CA ILE A 53 -6.79 10.10 6.34
C ILE A 53 -7.70 11.31 6.11
N ILE A 54 -8.55 11.25 5.08
CA ILE A 54 -9.49 12.34 4.76
C ILE A 54 -10.43 12.55 5.92
N TYR A 55 -10.99 11.47 6.45
CA TYR A 55 -11.91 11.59 7.60
C TYR A 55 -11.20 12.13 8.84
N GLU A 56 -9.97 11.69 9.09
CA GLU A 56 -9.24 12.10 10.27
C GLU A 56 -8.92 13.59 10.25
N VAL A 57 -8.25 14.06 9.21
CA VAL A 57 -7.81 15.46 9.20
C VAL A 57 -8.97 16.48 9.19
N LEU A 58 -10.10 16.11 8.57
CA LEU A 58 -11.31 16.91 8.57
C LEU A 58 -12.06 16.82 9.87
N SER A 59 -12.17 15.62 10.42
CA SER A 59 -12.88 15.51 11.68
C SER A 59 -12.13 16.25 12.82
N ASN A 60 -10.79 16.34 12.71
CA ASN A 60 -9.95 17.11 13.64
C ASN A 60 -10.33 18.59 13.72
N VAL A 61 -10.81 19.17 12.62
CA VAL A 61 -11.23 20.56 12.66
C VAL A 61 -12.73 20.75 12.91
N GLY A 62 -13.45 19.67 13.20
CA GLY A 62 -14.84 19.74 13.65
C GLY A 62 -15.93 19.35 12.66
N LEU A 63 -15.55 18.92 11.45
CA LEU A 63 -16.53 18.43 10.48
C LEU A 63 -17.15 17.11 10.92
N GLU A 64 -18.47 16.96 10.77
CA GLU A 64 -19.16 15.68 11.10
C GLU A 64 -18.89 14.64 10.02
N ARG A 65 -18.97 13.35 10.35
CA ARG A 65 -18.68 12.30 9.36
C ARG A 65 -19.60 12.42 8.17
N ALA A 66 -20.88 12.65 8.43
CA ALA A 66 -21.86 12.79 7.36
C ALA A 66 -21.51 13.94 6.43
N GLU A 67 -21.00 15.02 7.00
CA GLU A 67 -20.56 16.20 6.20
C GLU A 67 -19.34 15.88 5.32
N ILE A 68 -18.40 15.15 5.88
CA ILE A 68 -17.24 14.71 5.13
C ILE A 68 -17.70 13.77 4.01
N ALA A 69 -18.54 12.79 4.36
CA ALA A 69 -19.06 11.79 3.41
C ALA A 69 -19.77 12.41 2.21
N ASP A 70 -20.51 13.49 2.45
CA ASP A 70 -21.25 14.15 1.39
C ASP A 70 -20.41 14.60 0.20
N LYS A 71 -19.17 15.02 0.45
CA LYS A 71 -18.29 15.47 -0.63
C LYS A 71 -17.05 14.59 -0.80
N PHE A 72 -17.05 13.43 -0.17
CA PHE A 72 -15.88 12.55 -0.17
C PHE A 72 -15.45 12.18 -1.59
N ASP A 73 -16.39 11.72 -2.42
CA ASP A 73 -16.03 11.27 -3.77
C ASP A 73 -15.41 12.40 -4.59
N LYS A 74 -15.98 13.60 -4.48
CA LYS A 74 -15.36 14.75 -5.15
C LYS A 74 -13.95 15.09 -4.62
N ALA A 75 -13.76 15.01 -3.31
CA ALA A 75 -12.44 15.17 -2.70
C ALA A 75 -11.46 14.13 -3.24
N LYS A 76 -11.88 12.87 -3.28
CA LYS A 76 -11.05 11.80 -3.87
C LYS A 76 -10.63 12.15 -5.28
N GLU A 77 -11.61 12.45 -6.15
CA GLU A 77 -11.33 12.71 -7.57
C GLU A 77 -10.41 13.93 -7.75
N THR A 78 -10.62 14.96 -6.95
CA THR A 78 -9.80 16.18 -7.02
C THR A 78 -8.35 15.86 -6.63
N TYR A 79 -8.16 15.10 -5.54
CA TYR A 79 -6.84 14.66 -5.09
C TYR A 79 -6.11 13.86 -6.18
N ILE A 80 -6.80 12.88 -6.76
CA ILE A 80 -6.21 12.04 -7.79
C ILE A 80 -5.78 12.86 -9.00
N ALA A 81 -6.68 13.71 -9.47
CA ALA A 81 -6.41 14.53 -10.64
C ALA A 81 -5.23 15.47 -10.39
N LEU A 82 -5.22 16.09 -9.20
CA LEU A 82 -4.14 17.01 -8.85
C LEU A 82 -2.80 16.29 -8.72
N PHE A 83 -2.82 15.08 -8.15
CA PHE A 83 -1.61 14.29 -8.01
C PHE A 83 -1.06 13.96 -9.39
N ARG A 84 -1.94 13.55 -10.30
CA ARG A 84 -1.52 13.16 -11.65
C ARG A 84 -1.00 14.36 -12.41
N GLU A 85 -1.52 15.54 -12.09
CA GLU A 85 -1.10 16.77 -12.73
C GLU A 85 0.28 17.23 -12.26
N ARG A 86 0.54 17.14 -10.97
CA ARG A 86 1.73 17.78 -10.41
C ARG A 86 2.94 16.85 -10.26
N ALA A 87 2.69 15.58 -9.92
CA ALA A 87 3.79 14.65 -9.66
C ALA A 87 4.68 14.46 -10.91
N ARG A 88 5.99 14.38 -10.70
CA ARG A 88 6.96 14.09 -11.75
C ARG A 88 7.85 12.96 -11.27
N ARG A 89 8.59 12.34 -12.21
CA ARG A 89 9.47 11.22 -11.90
C ARG A 89 10.41 11.56 -10.76
N GLU A 90 10.87 12.80 -10.75
CA GLU A 90 11.81 13.29 -9.73
C GLU A 90 11.25 13.34 -8.31
N ASP A 91 9.93 13.25 -8.20
CA ASP A 91 9.25 13.16 -6.91
C ASP A 91 9.25 11.75 -6.31
N ILE A 92 9.59 10.74 -7.11
CA ILE A 92 9.51 9.32 -6.69
C ILE A 92 10.93 8.77 -6.53
N THR A 93 11.15 8.11 -5.43
CA THR A 93 12.40 7.43 -5.16
C THR A 93 12.09 5.94 -5.04
N LEU A 94 12.60 5.14 -5.96
CA LEU A 94 12.49 3.69 -5.86
C LEU A 94 13.44 3.17 -4.74
N LEU A 95 12.95 2.32 -3.84
CA LEU A 95 13.77 1.85 -2.73
C LEU A 95 14.76 0.78 -3.16
N GLU A 96 15.68 0.41 -2.27
CA GLU A 96 16.84 -0.42 -2.66
C GLU A 96 16.38 -1.81 -3.09
N GLY A 97 16.77 -2.23 -4.28
CA GLY A 97 16.53 -3.62 -4.72
C GLY A 97 15.15 -3.96 -5.26
N VAL A 98 14.28 -2.96 -5.32
CA VAL A 98 12.87 -3.18 -5.66
C VAL A 98 12.67 -3.71 -7.09
N ARG A 99 13.30 -3.08 -8.08
CA ARG A 99 13.08 -3.50 -9.47
C ARG A 99 13.60 -4.93 -9.68
N GLU A 100 14.78 -5.21 -9.10
CA GLU A 100 15.39 -6.53 -9.14
C GLU A 100 14.48 -7.59 -8.52
N LEU A 101 13.84 -7.24 -7.42
CA LEU A 101 13.00 -8.19 -6.71
C LEU A 101 11.73 -8.48 -7.51
N LEU A 102 11.13 -7.43 -8.07
CA LEU A 102 9.90 -7.57 -8.83
C LEU A 102 10.16 -8.35 -10.12
N ASP A 103 11.29 -8.12 -10.79
CA ASP A 103 11.68 -8.95 -11.92
C ASP A 103 11.80 -10.44 -11.56
N ALA A 104 12.44 -10.72 -10.43
CA ALA A 104 12.67 -12.08 -9.97
C ALA A 104 11.34 -12.79 -9.69
N LEU A 105 10.37 -12.07 -9.11
CA LEU A 105 9.07 -12.64 -8.79
C LEU A 105 8.17 -12.81 -10.00
N SER A 106 8.17 -11.82 -10.88
CA SER A 106 7.20 -11.76 -11.95
C SER A 106 7.52 -12.76 -13.07
N SER A 107 8.80 -13.15 -13.15
CA SER A 107 9.24 -14.16 -14.11
C SER A 107 8.84 -15.60 -13.72
N ARG A 108 8.43 -15.80 -12.48
CA ARG A 108 7.97 -17.11 -12.01
C ARG A 108 6.49 -17.35 -12.26
N SER A 109 6.16 -18.45 -12.93
CA SER A 109 4.78 -18.85 -13.22
C SER A 109 3.99 -19.20 -11.95
N ASP A 110 4.68 -19.72 -10.94
CA ASP A 110 4.02 -20.09 -9.67
C ASP A 110 3.72 -18.90 -8.74
N VAL A 111 4.04 -17.69 -9.17
CA VAL A 111 3.84 -16.50 -8.36
C VAL A 111 2.77 -15.59 -8.98
N LEU A 112 1.81 -15.16 -8.16
CA LEU A 112 0.91 -14.08 -8.59
C LEU A 112 1.23 -12.82 -7.79
N LEU A 113 1.56 -11.73 -8.46
CA LEU A 113 1.84 -10.47 -7.74
C LEU A 113 0.59 -9.59 -7.69
N GLY A 114 0.35 -8.99 -6.52
CA GLY A 114 -0.70 -7.99 -6.38
C GLY A 114 -0.32 -6.86 -5.39
N LEU A 115 -1.12 -5.80 -5.40
CA LEU A 115 -0.92 -4.68 -4.52
C LEU A 115 -1.92 -4.78 -3.42
N LEU A 116 -1.51 -4.41 -2.21
CA LEU A 116 -2.40 -4.22 -1.09
C LEU A 116 -1.92 -2.93 -0.41
N THR A 117 -2.67 -1.85 -0.63
CA THR A 117 -2.17 -0.51 -0.35
C THR A 117 -3.19 0.47 0.19
N GLY A 118 -2.70 1.47 0.94
CA GLY A 118 -3.54 2.56 1.45
C GLY A 118 -3.85 3.61 0.39
N ASN A 119 -3.13 3.57 -0.73
CA ASN A 119 -3.44 4.46 -1.84
C ASN A 119 -4.78 4.12 -2.52
N PHE A 120 -5.51 5.16 -2.96
CA PHE A 120 -6.51 4.99 -3.99
C PHE A 120 -5.76 4.37 -5.18
N GLU A 121 -6.43 3.51 -5.93
CA GLU A 121 -5.78 2.83 -7.05
C GLU A 121 -5.20 3.80 -8.05
N ALA A 122 -5.93 4.85 -8.42
CA ALA A 122 -5.48 5.66 -9.54
C ALA A 122 -4.20 6.41 -9.18
N SER A 123 -4.12 6.90 -7.93
CA SER A 123 -2.93 7.63 -7.47
C SER A 123 -1.79 6.68 -7.05
N GLY A 124 -2.12 5.57 -6.42
CA GLY A 124 -1.12 4.53 -6.08
C GLY A 124 -0.46 4.02 -7.35
N ARG A 125 -1.24 3.74 -8.39
CA ARG A 125 -0.66 3.24 -9.65
C ARG A 125 0.09 4.31 -10.42
N HIS A 126 -0.30 5.57 -10.27
CA HIS A 126 0.47 6.66 -10.87
C HIS A 126 1.86 6.76 -10.21
N LYS A 127 1.92 6.61 -8.89
CA LYS A 127 3.21 6.54 -8.25
C LYS A 127 4.13 5.41 -8.84
N LEU A 128 3.54 4.25 -9.12
CA LEU A 128 4.27 3.07 -9.60
C LEU A 128 4.66 3.27 -11.06
N LYS A 129 3.81 3.95 -11.81
CA LYS A 129 4.06 4.22 -13.24
C LYS A 129 5.23 5.17 -13.54
N LEU A 130 5.39 6.16 -12.67
CA LEU A 130 6.49 7.13 -12.86
C LEU A 130 7.84 6.43 -12.97
N PRO A 131 8.23 5.62 -11.97
CA PRO A 131 9.44 4.80 -12.13
C PRO A 131 9.30 3.50 -12.96
N GLY A 132 8.13 3.25 -13.53
CA GLY A 132 7.98 2.13 -14.46
C GLY A 132 7.94 0.75 -13.84
N ILE A 133 7.27 0.63 -12.69
CA ILE A 133 7.06 -0.65 -12.05
C ILE A 133 5.58 -1.00 -11.85
N ASP A 134 4.67 -0.28 -12.50
CA ASP A 134 3.23 -0.57 -12.39
C ASP A 134 2.88 -1.87 -13.11
N HIS A 135 3.55 -2.10 -14.24
CA HIS A 135 3.30 -3.24 -15.13
C HIS A 135 3.42 -4.62 -14.41
N TYR A 136 4.14 -4.66 -13.30
CA TYR A 136 4.28 -5.90 -12.54
C TYR A 136 2.98 -6.35 -11.81
N PHE A 137 2.03 -5.44 -11.63
CA PHE A 137 0.91 -5.69 -10.73
C PHE A 137 -0.45 -5.76 -11.45
N PRO A 138 -0.93 -6.98 -11.76
CA PRO A 138 -2.16 -7.13 -12.52
C PRO A 138 -3.45 -6.82 -11.76
N PHE A 139 -3.41 -6.75 -10.41
CA PHE A 139 -4.61 -6.47 -9.63
C PHE A 139 -4.18 -6.01 -8.26
N GLY A 140 -5.13 -5.64 -7.40
CA GLY A 140 -4.81 -5.39 -6.01
C GLY A 140 -6.04 -5.09 -5.17
N ALA A 141 -5.86 -4.78 -3.87
CA ALA A 141 -6.87 -4.15 -3.11
C ALA A 141 -6.33 -2.78 -2.68
N PHE A 142 -7.23 -1.79 -2.70
CA PHE A 142 -6.88 -0.36 -2.59
C PHE A 142 -7.81 0.43 -1.66
N ALA A 143 -7.51 1.72 -1.47
CA ALA A 143 -8.37 2.59 -0.63
C ALA A 143 -9.75 2.82 -1.24
N ASP A 144 -9.91 2.51 -2.52
CA ASP A 144 -11.26 2.50 -3.09
C ASP A 144 -12.16 1.46 -2.46
N ASP A 145 -11.56 0.45 -1.84
CA ASP A 145 -12.29 -0.73 -1.38
C ASP A 145 -12.70 -0.70 0.08
N ALA A 146 -12.01 0.10 0.89
CA ALA A 146 -12.32 0.17 2.31
C ALA A 146 -11.62 1.33 3.01
N LEU A 147 -12.16 1.72 4.16
CA LEU A 147 -11.53 2.70 5.04
C LEU A 147 -10.60 1.99 6.04
N ASP A 148 -10.84 0.71 6.28
CA ASP A 148 -10.08 -0.09 7.25
C ASP A 148 -9.18 -1.10 6.51
N ARG A 149 -7.87 -1.01 6.78
CA ARG A 149 -6.85 -1.81 6.04
C ARG A 149 -7.13 -3.30 6.21
N ASN A 150 -7.75 -3.63 7.34
CA ASN A 150 -8.04 -5.04 7.69
C ASN A 150 -9.14 -5.72 6.89
N GLU A 151 -9.89 -4.96 6.10
CA GLU A 151 -10.81 -5.51 5.10
C GLU A 151 -10.10 -5.92 3.80
N LEU A 152 -8.97 -5.29 3.50
CA LEU A 152 -8.26 -5.48 2.22
C LEU A 152 -7.72 -6.89 1.87
N PRO A 153 -7.14 -7.62 2.84
CA PRO A 153 -6.61 -8.96 2.55
C PRO A 153 -7.71 -9.90 2.01
N HIS A 154 -8.89 -9.83 2.62
CA HIS A 154 -10.01 -10.66 2.17
C HIS A 154 -10.37 -10.35 0.75
N ILE A 155 -10.50 -9.07 0.45
CA ILE A 155 -10.82 -8.60 -0.89
C ILE A 155 -9.78 -9.02 -1.92
N ALA A 156 -8.49 -8.81 -1.61
CA ALA A 156 -7.41 -9.27 -2.48
C ALA A 156 -7.42 -10.78 -2.63
N LEU A 157 -7.64 -11.54 -1.55
CA LEU A 157 -7.68 -13.00 -1.68
C LEU A 157 -8.81 -13.48 -2.65
N GLU A 158 -9.99 -12.90 -2.49
CA GLU A 158 -11.12 -13.23 -3.38
C GLU A 158 -10.81 -12.90 -4.84
N ARG A 159 -10.24 -11.74 -5.07
CA ARG A 159 -9.86 -11.34 -6.42
C ARG A 159 -8.81 -12.26 -7.03
N ALA A 160 -7.83 -12.66 -6.23
CA ALA A 160 -6.76 -13.52 -6.74
C ALA A 160 -7.34 -14.90 -7.13
N ARG A 161 -8.18 -15.44 -6.26
CA ARG A 161 -8.83 -16.73 -6.48
C ARG A 161 -9.71 -16.74 -7.76
N ARG A 162 -10.43 -15.64 -8.01
CA ARG A 162 -11.27 -15.50 -9.20
C ARG A 162 -10.40 -15.38 -10.45
N MSE A 163 -9.18 -14.89 -10.29
CA MSE A 163 -8.27 -14.74 -11.43
C MSE A 163 -7.58 -16.03 -11.82
O MSE A 163 -7.45 -16.29 -13.00
CB MSE A 163 -7.19 -13.72 -11.10
CG MSE A 163 -7.71 -12.36 -10.99
SE MSE A 163 -6.30 -11.15 -10.46
CE MSE A 163 -5.22 -11.38 -11.95
N THR A 164 -7.13 -16.79 -10.84
CA THR A 164 -6.29 -17.96 -11.10
C THR A 164 -7.01 -19.29 -10.87
N GLY A 165 -8.09 -19.27 -10.09
CA GLY A 165 -8.72 -20.51 -9.61
C GLY A 165 -7.93 -21.17 -8.49
N ALA A 166 -6.87 -20.51 -8.04
CA ALA A 166 -6.05 -21.04 -6.96
C ALA A 166 -6.73 -20.77 -5.63
N ASN A 167 -6.82 -21.78 -4.78
CA ASN A 167 -7.34 -21.60 -3.43
C ASN A 167 -6.15 -21.48 -2.49
N TYR A 168 -5.56 -20.29 -2.42
CA TYR A 168 -4.32 -20.09 -1.64
C TYR A 168 -4.57 -20.40 -0.19
N SER A 169 -3.73 -21.25 0.40
CA SER A 169 -3.79 -21.51 1.83
C SER A 169 -2.96 -20.43 2.55
N PRO A 170 -3.13 -20.28 3.86
CA PRO A 170 -2.42 -19.25 4.61
C PRO A 170 -0.90 -19.21 4.36
N SER A 171 -0.25 -20.36 4.32
CA SER A 171 1.20 -20.42 4.13
C SER A 171 1.61 -20.05 2.74
N GLN A 172 0.63 -20.04 1.82
CA GLN A 172 0.86 -19.60 0.42
C GLN A 172 0.60 -18.10 0.16
N ILE A 173 0.23 -17.36 1.19
CA ILE A 173 -0.07 -15.94 1.04
C ILE A 173 0.98 -15.12 1.79
N VAL A 174 1.57 -14.17 1.09
CA VAL A 174 2.65 -13.34 1.65
C VAL A 174 2.26 -11.87 1.50
N ILE A 175 2.25 -11.17 2.63
CA ILE A 175 1.90 -9.78 2.66
C ILE A 175 3.08 -8.95 3.13
N ILE A 176 3.49 -8.02 2.29
CA ILE A 176 4.73 -7.27 2.49
C ILE A 176 4.47 -5.77 2.69
N GLY A 177 5.06 -5.22 3.77
CA GLY A 177 5.03 -3.79 4.04
C GLY A 177 5.97 -3.30 5.14
N ASP A 178 5.84 -2.02 5.47
CA ASP A 178 6.80 -1.29 6.32
C ASP A 178 6.29 -0.77 7.66
N THR A 179 5.03 -1.10 8.03
CA THR A 179 4.43 -0.61 9.29
C THR A 179 3.69 -1.68 10.03
N GLU A 180 3.31 -1.35 11.27
CA GLU A 180 2.49 -2.25 12.06
C GLU A 180 1.16 -2.59 11.35
N HIS A 181 0.68 -1.70 10.48
CA HIS A 181 -0.61 -1.90 9.83
C HIS A 181 -0.53 -3.00 8.78
N ASP A 182 0.60 -3.07 8.09
CA ASP A 182 0.88 -4.14 7.18
C ASP A 182 0.92 -5.48 7.92
N ILE A 183 1.67 -5.51 9.00
CA ILE A 183 1.83 -6.74 9.72
C ILE A 183 0.47 -7.20 10.25
N ARG A 184 -0.32 -6.24 10.70
CA ARG A 184 -1.58 -6.54 11.39
CA ARG A 184 -1.56 -6.58 11.39
C ARG A 184 -2.61 -7.03 10.37
N CYS A 185 -2.63 -6.43 9.20
CA CYS A 185 -3.66 -6.85 8.22
C CYS A 185 -3.43 -8.29 7.71
N ALA A 186 -2.18 -8.74 7.74
CA ALA A 186 -1.83 -10.11 7.36
C ALA A 186 -2.46 -11.15 8.28
N ARG A 187 -2.65 -10.79 9.53
CA ARG A 187 -3.23 -11.71 10.51
C ARG A 187 -4.67 -12.10 10.12
N GLU A 188 -5.34 -11.24 9.35
CA GLU A 188 -6.68 -11.52 8.85
C GLU A 188 -6.80 -12.85 8.13
N LEU A 189 -5.74 -13.25 7.42
CA LEU A 189 -5.76 -14.48 6.64
C LEU A 189 -4.84 -15.53 7.21
N ASP A 190 -4.30 -15.28 8.42
CA ASP A 190 -3.16 -16.02 8.97
CA ASP A 190 -3.16 -16.03 8.96
C ASP A 190 -2.04 -16.13 7.92
N ALA A 191 -1.83 -15.03 7.18
CA ALA A 191 -0.83 -15.04 6.11
C ALA A 191 0.59 -14.83 6.64
N ARG A 192 1.57 -15.06 5.79
CA ARG A 192 2.96 -14.81 6.15
C ARG A 192 3.26 -13.33 5.93
N SER A 193 3.59 -12.61 6.99
CA SER A 193 3.94 -11.20 6.90
C SER A 193 5.44 -11.09 6.80
N ILE A 194 5.90 -10.28 5.83
CA ILE A 194 7.28 -9.88 5.74
C ILE A 194 7.31 -8.37 5.89
N ALA A 195 7.95 -7.88 6.94
CA ALA A 195 8.06 -6.45 7.22
C ALA A 195 9.43 -6.02 6.76
N VAL A 196 9.52 -4.80 6.21
CA VAL A 196 10.77 -4.22 5.78
C VAL A 196 10.89 -2.83 6.40
N ALA A 197 12.04 -2.55 7.04
CA ALA A 197 12.21 -1.35 7.87
C ALA A 197 12.75 -0.19 7.05
N THR A 198 12.15 0.00 5.88
CA THR A 198 12.52 1.08 4.96
C THR A 198 11.54 2.26 5.00
N GLY A 199 10.65 2.28 5.99
CA GLY A 199 9.77 3.42 6.19
C GLY A 199 10.21 4.18 7.41
N ASN A 200 9.23 4.66 8.16
CA ASN A 200 9.51 5.45 9.33
C ASN A 200 9.67 4.64 10.63
N PHE A 201 9.70 3.31 10.53
CA PHE A 201 9.73 2.45 11.75
C PHE A 201 10.93 1.53 11.68
N THR A 202 11.69 1.50 12.75
CA THR A 202 12.90 0.70 12.82
C THR A 202 12.56 -0.80 12.99
N MSE A 203 13.57 -1.67 12.79
CA MSE A 203 13.41 -3.10 13.06
C MSE A 203 12.98 -3.30 14.50
O MSE A 203 12.10 -4.13 14.77
CB MSE A 203 14.71 -3.85 12.74
CG MSE A 203 15.06 -3.75 11.28
SE MSE A 203 16.52 -4.93 10.80
CE MSE A 203 17.87 -4.02 11.79
N GLU A 204 13.59 -2.57 15.42
CA GLU A 204 13.21 -2.71 16.84
C GLU A 204 11.75 -2.38 17.04
N GLU A 205 11.28 -1.34 16.38
CA GLU A 205 9.87 -0.97 16.49
C GLU A 205 8.96 -2.04 15.87
N LEU A 206 9.28 -2.45 14.64
CA LEU A 206 8.48 -3.43 13.91
C LEU A 206 8.43 -4.81 14.55
N ALA A 207 9.48 -5.17 15.29
CA ALA A 207 9.61 -6.48 15.84
C ALA A 207 8.58 -6.75 16.96
N ARG A 208 8.11 -5.70 17.61
CA ARG A 208 7.11 -5.82 18.65
C ARG A 208 5.74 -6.26 18.14
N HIS A 209 5.54 -6.21 16.82
CA HIS A 209 4.30 -6.61 16.19
C HIS A 209 4.36 -8.01 15.62
N LYS A 210 5.50 -8.68 15.80
CA LYS A 210 5.67 -10.10 15.51
C LYS A 210 5.47 -10.44 14.05
N PRO A 211 6.19 -9.74 13.16
CA PRO A 211 6.13 -10.09 11.76
C PRO A 211 6.74 -11.47 11.58
N GLY A 212 6.34 -12.20 10.55
CA GLY A 212 6.89 -13.52 10.32
C GLY A 212 8.34 -13.45 9.96
N THR A 213 8.70 -12.44 9.15
CA THR A 213 10.07 -12.16 8.83
C THR A 213 10.23 -10.65 8.83
N LEU A 214 11.47 -10.20 9.11
CA LEU A 214 11.83 -8.78 9.17
C LEU A 214 13.17 -8.50 8.47
N PHE A 215 13.10 -7.68 7.44
CA PHE A 215 14.23 -7.23 6.67
C PHE A 215 14.59 -5.78 6.97
N LYS A 216 15.86 -5.45 6.83
CA LYS A 216 16.29 -4.06 6.88
C LYS A 216 15.91 -3.40 5.59
N ASN A 217 16.18 -4.09 4.50
CA ASN A 217 15.86 -3.59 3.17
C ASN A 217 15.89 -4.79 2.20
N PHE A 218 15.70 -4.54 0.91
CA PHE A 218 15.64 -5.64 -0.06
C PHE A 218 16.89 -5.70 -0.96
N ALA A 219 18.04 -5.26 -0.44
CA ALA A 219 19.30 -5.33 -1.18
C ALA A 219 19.65 -6.73 -1.69
N GLU A 220 19.44 -7.76 -0.88
CA GLU A 220 19.85 -9.14 -1.26
C GLU A 220 18.71 -9.90 -1.94
N THR A 221 18.56 -9.71 -3.25
CA THR A 221 17.40 -10.22 -3.98
C THR A 221 17.15 -11.70 -3.73
N ASP A 222 18.18 -12.52 -3.91
CA ASP A 222 18.09 -13.97 -3.73
C ASP A 222 17.53 -14.36 -2.37
N GLU A 223 17.98 -13.68 -1.31
CA GLU A 223 17.48 -13.98 0.03
C GLU A 223 16.05 -13.51 0.25
N VAL A 224 15.66 -12.39 -0.35
CA VAL A 224 14.30 -11.95 -0.20
C VAL A 224 13.40 -12.95 -0.93
N LEU A 225 13.79 -13.36 -2.13
CA LEU A 225 13.02 -14.33 -2.89
C LEU A 225 12.85 -15.64 -2.11
N ALA A 226 13.94 -16.15 -1.54
CA ALA A 226 13.90 -17.38 -0.75
C ALA A 226 12.93 -17.23 0.39
N SER A 227 12.92 -16.06 1.01
CA SER A 227 12.06 -15.86 2.13
C SER A 227 10.59 -15.79 1.70
N ILE A 228 10.34 -15.24 0.51
CA ILE A 228 8.97 -15.07 0.01
C ILE A 228 8.37 -16.39 -0.45
N LEU A 229 9.13 -17.18 -1.21
CA LEU A 229 8.61 -18.45 -1.75
C LEU A 229 8.44 -19.57 -0.72
N THR A 230 9.33 -19.63 0.27
CA THR A 230 9.43 -20.74 1.26
C THR A 230 8.43 -20.63 2.45
MG MG B . 3.71 1.61 3.63
MG MG C . -19.23 17.68 16.24
CL CL D . 4.83 0.75 -15.61
#